data_2IXN
#
_entry.id   2IXN
#
_cell.length_a   157.930
_cell.length_b   171.042
_cell.length_c   53.735
_cell.angle_alpha   90.00
_cell.angle_beta   90.00
_cell.angle_gamma   90.00
#
_symmetry.space_group_name_H-M   'C 2 2 21'
#
_entity_poly.entity_id   1
_entity_poly.type   'polypeptide(L)'
_entity_poly.pdbx_seq_one_letter_code
;MLPEKRLLTPDDMKLWEESPTRAHFTKFIIDLAESVKGHENSQYKEPISESINSMMNLLSQIKDITQKHPVIKDADSSRF
GKVEFRDFYDEVSRNSRKILRSEFPSLTDEQLEQLSIYLDESWGNKRRIDYGSGHELNFMCLLYGLYSYGIFNLSNDSTN
LVLKVFIEYLKIMRILETKYWLEPAGSHGVWGLDDYHFLPFLFGAFQLTTHKHLKPISIHNNELVEMFAHRYLYFGCIAF
INKVKSSASLRWHSPMLDDISGVKTWSKVAEGMIKMYKAEVLSKLPIMQHFYFSEFLPCPDGVSHHHHHH
;
_entity_poly.pdbx_strand_id   A,B
#
# COMPACT_ATOMS: atom_id res chain seq x y z
N PRO A 3 -1.35 17.74 16.66
CA PRO A 3 -0.46 17.94 17.84
C PRO A 3 -0.56 16.78 18.82
N GLU A 4 0.08 15.62 18.52
CA GLU A 4 0.49 14.64 19.60
C GLU A 4 1.62 13.60 19.38
N LYS A 5 2.41 13.42 20.42
CA LYS A 5 3.86 13.28 20.36
C LYS A 5 4.31 12.52 21.60
N ARG A 6 5.62 12.30 21.78
CA ARG A 6 6.20 11.79 23.06
C ARG A 6 6.92 12.86 23.90
N LEU A 7 7.11 12.64 25.22
CA LEU A 7 7.63 13.68 26.14
C LEU A 7 8.48 13.22 27.36
N LEU A 8 9.26 12.13 27.29
CA LEU A 8 9.84 11.59 28.57
C LEU A 8 11.37 11.56 28.85
N THR A 9 11.75 11.76 30.13
CA THR A 9 13.09 11.37 30.73
C THR A 9 13.20 11.11 32.35
N PRO A 10 14.29 11.49 33.04
CA PRO A 10 14.81 10.55 34.11
C PRO A 10 13.86 10.19 35.27
N ASP A 11 13.06 11.18 35.68
CA ASP A 11 12.08 11.07 36.75
C ASP A 11 10.84 11.87 36.30
N ASP A 12 10.78 12.19 35.00
CA ASP A 12 9.51 12.29 34.31
C ASP A 12 8.84 10.93 34.58
N MET A 13 9.67 9.88 34.66
CA MET A 13 9.22 8.52 34.85
C MET A 13 8.63 8.27 36.23
N LYS A 14 9.14 8.98 37.23
CA LYS A 14 8.51 8.99 38.55
C LYS A 14 7.10 9.60 38.46
N LEU A 15 6.97 10.66 37.65
CA LEU A 15 5.68 11.30 37.34
C LEU A 15 4.83 10.43 36.40
N TRP A 16 5.29 9.21 36.14
CA TRP A 16 4.56 8.28 35.29
C TRP A 16 3.76 7.27 36.10
N GLU A 17 4.37 6.48 36.98
CA GLU A 17 3.56 5.49 37.76
C GLU A 17 2.45 6.16 38.58
N GLU A 18 2.83 7.20 39.30
CA GLU A 18 1.92 8.04 40.10
C GLU A 18 0.67 8.50 39.30
N SER A 19 0.91 8.86 38.04
CA SER A 19 -0.11 9.48 37.18
C SER A 19 -1.39 8.69 37.03
N PRO A 20 -2.53 9.41 36.88
CA PRO A 20 -3.76 8.70 36.62
C PRO A 20 -3.85 8.09 35.19
N THR A 21 -3.07 8.54 34.22
CA THR A 21 -3.09 7.80 32.93
C THR A 21 -2.64 6.31 33.06
N ARG A 22 -1.35 6.05 33.29
CA ARG A 22 -0.88 4.74 33.80
C ARG A 22 -1.99 3.94 34.48
N ALA A 23 -2.50 4.41 35.63
CA ALA A 23 -3.64 3.75 36.31
C ALA A 23 -4.84 3.43 35.39
N HIS A 24 -5.29 4.38 34.55
CA HIS A 24 -6.43 4.11 33.65
C HIS A 24 -6.07 3.02 32.65
N PHE A 25 -4.96 3.22 31.98
CA PHE A 25 -4.52 2.36 30.91
C PHE A 25 -4.14 0.95 31.39
N THR A 26 -3.37 0.87 32.48
CA THR A 26 -3.02 -0.38 33.11
C THR A 26 -4.32 -1.13 33.32
N LYS A 27 -5.27 -0.48 33.95
CA LYS A 27 -6.54 -1.10 34.29
C LYS A 27 -7.15 -1.68 33.05
N PHE A 28 -7.24 -0.90 31.99
CA PHE A 28 -7.78 -1.37 30.72
C PHE A 28 -7.19 -2.70 30.22
N ILE A 29 -5.87 -2.76 30.06
CA ILE A 29 -5.17 -4.03 29.72
C ILE A 29 -5.46 -5.25 30.65
N ILE A 30 -5.71 -5.00 31.93
CA ILE A 30 -6.13 -6.08 32.85
C ILE A 30 -7.59 -6.55 32.57
N ASP A 31 -8.44 -5.58 32.25
CA ASP A 31 -9.83 -5.86 31.95
C ASP A 31 -9.89 -6.79 30.76
N LEU A 32 -9.12 -6.43 29.74
CA LEU A 32 -8.79 -7.33 28.67
C LEU A 32 -8.09 -8.64 29.08
N ALA A 33 -7.27 -8.66 30.11
CA ALA A 33 -6.60 -9.92 30.34
C ALA A 33 -7.61 -10.91 30.94
N GLU A 34 -8.48 -10.40 31.80
CA GLU A 34 -9.37 -11.26 32.57
C GLU A 34 -10.64 -11.58 31.86
N SER A 35 -10.92 -10.81 30.82
CA SER A 35 -12.08 -11.00 29.96
C SER A 35 -11.91 -12.33 29.27
N VAL A 36 -10.67 -12.71 29.22
CA VAL A 36 -10.24 -13.79 28.39
C VAL A 36 -9.81 -14.96 29.29
N LYS A 37 -10.24 -14.90 30.56
CA LYS A 37 -9.62 -15.64 31.67
C LYS A 37 -9.76 -17.13 31.62
N GLY A 38 -10.69 -17.68 30.84
CA GLY A 38 -10.62 -19.13 30.57
C GLY A 38 -10.90 -19.61 29.15
N HIS A 39 -10.57 -18.78 28.16
CA HIS A 39 -11.12 -18.92 26.82
C HIS A 39 -10.04 -19.39 25.81
N GLU A 40 -10.31 -20.45 25.07
CA GLU A 40 -9.40 -20.81 23.96
C GLU A 40 -9.39 -19.73 22.87
N ASN A 41 -8.41 -19.78 21.97
CA ASN A 41 -8.24 -18.74 20.95
C ASN A 41 -9.49 -18.40 20.20
N SER A 42 -10.40 -19.36 20.03
CA SER A 42 -11.64 -19.12 19.31
C SER A 42 -12.96 -19.23 20.09
N GLN A 43 -12.94 -19.05 21.42
CA GLN A 43 -14.16 -18.81 22.22
C GLN A 43 -14.65 -17.36 22.16
N TYR A 44 -15.06 -16.86 21.02
CA TYR A 44 -15.63 -15.50 20.95
C TYR A 44 -16.94 -15.33 21.77
N LYS A 45 -17.16 -14.15 22.36
CA LYS A 45 -18.45 -13.80 23.05
C LYS A 45 -19.50 -13.59 21.97
N GLU A 46 -20.79 -13.83 22.24
CA GLU A 46 -21.72 -13.98 21.10
C GLU A 46 -21.88 -12.91 20.02
N PRO A 47 -23.12 -12.55 19.61
CA PRO A 47 -23.14 -11.76 18.36
C PRO A 47 -21.87 -10.88 18.23
N ILE A 48 -20.92 -11.28 17.38
CA ILE A 48 -19.65 -10.52 17.25
C ILE A 48 -20.00 -9.03 16.95
N SER A 49 -19.74 -8.15 17.92
CA SER A 49 -20.27 -6.79 17.87
C SER A 49 -19.77 -6.13 16.63
N GLU A 50 -20.58 -5.25 16.06
CA GLU A 50 -20.23 -4.69 14.77
C GLU A 50 -18.87 -3.92 14.71
N SER A 51 -18.47 -3.25 15.77
CA SER A 51 -17.18 -2.59 15.76
C SER A 51 -16.06 -3.61 15.59
N ILE A 52 -16.23 -4.76 16.19
CA ILE A 52 -15.19 -5.76 16.09
C ILE A 52 -14.96 -6.16 14.62
N ASN A 53 -16.02 -6.23 13.83
CA ASN A 53 -15.89 -6.61 12.44
C ASN A 53 -15.09 -5.60 11.69
N SER A 54 -15.49 -4.36 11.85
CA SER A 54 -14.85 -3.23 11.21
C SER A 54 -13.36 -3.22 11.58
N MET A 55 -13.06 -3.47 12.86
CA MET A 55 -11.67 -3.55 13.28
C MET A 55 -10.92 -4.65 12.56
N MET A 56 -11.49 -5.86 12.50
CA MET A 56 -10.95 -6.96 11.69
C MET A 56 -10.83 -6.55 10.21
N ASN A 57 -11.85 -5.94 9.62
CA ASN A 57 -11.63 -5.63 8.22
C ASN A 57 -10.83 -4.35 7.98
N LEU A 58 -10.24 -3.80 9.02
CA LEU A 58 -9.20 -2.81 8.84
C LEU A 58 -7.86 -3.55 8.88
N LEU A 59 -7.73 -4.50 9.81
CA LEU A 59 -6.57 -5.41 9.80
C LEU A 59 -6.43 -6.10 8.46
N SER A 60 -7.51 -6.57 7.85
CA SER A 60 -7.27 -7.27 6.57
C SER A 60 -6.65 -6.31 5.54
N GLN A 61 -7.08 -5.03 5.57
CA GLN A 61 -6.50 -3.95 4.73
C GLN A 61 -5.03 -3.80 4.93
N ILE A 62 -4.61 -3.86 6.17
CA ILE A 62 -3.19 -3.85 6.45
C ILE A 62 -2.55 -5.11 5.93
N LYS A 63 -3.09 -6.25 6.33
CA LYS A 63 -2.67 -7.53 5.76
C LYS A 63 -2.49 -7.44 4.28
N ASP A 64 -3.42 -6.81 3.57
CA ASP A 64 -3.31 -6.62 2.12
C ASP A 64 -2.06 -5.88 1.67
N ILE A 65 -1.76 -4.82 2.42
CA ILE A 65 -0.68 -3.88 2.10
C ILE A 65 0.69 -4.46 2.19
N THR A 66 0.84 -5.58 2.88
CA THR A 66 2.12 -6.22 3.04
C THR A 66 2.37 -7.02 1.76
N GLN A 67 1.33 -7.68 1.29
CA GLN A 67 1.42 -8.45 0.04
C GLN A 67 1.62 -7.58 -1.15
N LYS A 68 1.63 -6.25 -1.02
CA LYS A 68 1.97 -5.38 -2.16
C LYS A 68 3.43 -5.07 -2.14
N HIS A 69 4.13 -5.67 -1.22
CA HIS A 69 5.51 -5.27 -1.04
C HIS A 69 6.36 -6.48 -0.86
N PRO A 70 7.01 -6.87 -1.93
CA PRO A 70 7.75 -8.12 -1.91
C PRO A 70 9.23 -7.88 -1.70
N VAL A 71 9.91 -8.86 -1.14
CA VAL A 71 11.34 -8.73 -1.01
C VAL A 71 11.97 -8.94 -2.40
N ILE A 72 12.45 -7.85 -2.98
CA ILE A 72 12.97 -7.81 -4.36
C ILE A 72 14.40 -7.18 -4.27
N LYS A 73 15.32 -7.88 -3.62
CA LYS A 73 16.61 -7.30 -3.16
C LYS A 73 17.32 -8.28 -2.20
N ARG A 79 21.25 -12.38 6.22
CA ARG A 79 21.55 -11.19 7.03
C ARG A 79 20.47 -10.71 8.03
N PHE A 80 20.24 -9.38 8.12
CA PHE A 80 19.44 -8.74 9.20
C PHE A 80 18.68 -7.56 8.59
N GLY A 81 17.36 -7.50 8.73
CA GLY A 81 16.52 -6.35 8.23
C GLY A 81 16.40 -6.13 6.70
N LYS A 82 15.21 -6.33 6.13
CA LYS A 82 15.04 -6.19 4.68
C LYS A 82 14.30 -4.89 4.40
N VAL A 83 14.94 -3.97 3.70
CA VAL A 83 14.43 -2.58 3.56
C VAL A 83 13.04 -2.38 2.97
N GLU A 84 12.59 -3.31 2.16
CA GLU A 84 11.28 -3.14 1.58
C GLU A 84 10.30 -2.81 2.73
N PHE A 85 10.56 -3.26 3.94
CA PHE A 85 9.66 -2.91 5.06
C PHE A 85 9.34 -1.42 5.13
N ARG A 86 10.29 -0.56 4.78
CA ARG A 86 10.06 0.90 4.83
C ARG A 86 9.08 1.31 3.76
N ASP A 87 9.08 0.60 2.65
CA ASP A 87 8.08 0.75 1.64
C ASP A 87 6.76 0.38 2.31
N PHE A 88 6.67 -0.80 2.93
CA PHE A 88 5.47 -1.17 3.70
C PHE A 88 5.01 -0.11 4.70
N TYR A 89 5.91 0.33 5.56
CA TYR A 89 5.58 1.28 6.61
C TYR A 89 5.07 2.58 5.96
N ASP A 90 5.76 3.01 4.93
CA ASP A 90 5.38 4.19 4.18
C ASP A 90 3.95 4.11 3.66
N GLU A 91 3.47 2.90 3.36
CA GLU A 91 2.11 2.80 2.84
C GLU A 91 1.19 3.06 4.00
N VAL A 92 1.46 2.45 5.16
CA VAL A 92 0.52 2.55 6.23
C VAL A 92 0.50 3.96 6.65
N SER A 93 1.70 4.51 6.84
CA SER A 93 1.87 5.93 7.19
C SER A 93 1.08 6.91 6.40
N ARG A 94 0.71 6.57 5.17
CA ARG A 94 0.07 7.55 4.31
C ARG A 94 -1.37 7.17 4.01
N ASN A 95 -1.84 6.09 4.60
CA ASN A 95 -3.21 5.68 4.41
C ASN A 95 -3.97 5.52 5.71
N SER A 96 -3.27 5.62 6.85
CA SER A 96 -3.89 5.23 8.11
C SER A 96 -5.09 6.12 8.34
N ARG A 97 -4.97 7.42 8.08
CA ARG A 97 -6.16 8.28 8.17
C ARG A 97 -7.31 7.75 7.24
N LYS A 98 -6.97 7.47 5.97
CA LYS A 98 -7.96 6.99 5.02
C LYS A 98 -8.59 5.66 5.49
N ILE A 99 -7.75 4.76 5.98
CA ILE A 99 -8.17 3.42 6.42
C ILE A 99 -9.20 3.42 7.57
N LEU A 100 -8.84 4.14 8.63
CA LEU A 100 -9.67 4.27 9.83
C LEU A 100 -11.00 4.96 9.52
N ARG A 101 -10.93 6.03 8.70
CA ARG A 101 -12.14 6.78 8.35
C ARG A 101 -13.12 5.83 7.66
N SER A 102 -12.59 4.88 6.89
CA SER A 102 -13.42 3.94 6.14
C SER A 102 -14.08 2.94 7.07
N GLU A 103 -13.36 2.44 8.04
CA GLU A 103 -13.97 1.46 8.91
C GLU A 103 -14.72 2.10 10.10
N PHE A 104 -14.44 3.36 10.41
CA PHE A 104 -15.08 4.00 11.55
C PHE A 104 -15.61 5.38 11.17
N PRO A 105 -16.69 5.41 10.35
CA PRO A 105 -17.28 6.63 9.79
C PRO A 105 -17.82 7.56 10.86
N SER A 106 -17.87 7.09 12.11
CA SER A 106 -18.34 7.86 13.24
C SER A 106 -17.30 8.90 13.69
N LEU A 107 -16.05 8.64 13.36
CA LEU A 107 -14.93 9.40 13.87
C LEU A 107 -14.60 10.71 13.15
N THR A 108 -14.74 11.82 13.88
CA THR A 108 -14.39 13.18 13.43
C THR A 108 -12.99 13.32 12.84
N ASP A 109 -12.85 14.27 11.92
CA ASP A 109 -11.52 14.73 11.46
C ASP A 109 -10.49 14.73 12.61
N GLU A 110 -10.88 15.23 13.78
CA GLU A 110 -9.89 15.54 14.80
C GLU A 110 -9.48 14.33 15.62
N GLN A 111 -10.38 13.36 15.75
CA GLN A 111 -10.07 12.09 16.42
C GLN A 111 -9.13 11.25 15.58
N LEU A 112 -9.31 11.30 14.28
CA LEU A 112 -8.44 10.61 13.36
C LEU A 112 -7.04 11.09 13.55
N GLU A 113 -6.88 12.37 13.85
CA GLU A 113 -5.59 12.96 14.09
C GLU A 113 -4.98 12.21 15.26
N GLN A 114 -5.76 12.02 16.32
CA GLN A 114 -5.24 11.37 17.52
C GLN A 114 -4.98 9.88 17.33
N LEU A 115 -5.80 9.22 16.53
CA LEU A 115 -5.60 7.80 16.35
C LEU A 115 -4.48 7.52 15.37
N SER A 116 -4.57 8.03 14.13
CA SER A 116 -3.63 7.66 13.08
C SER A 116 -2.19 7.43 13.58
N ILE A 117 -1.65 8.33 14.41
CA ILE A 117 -0.24 8.14 14.80
C ILE A 117 0.06 6.77 15.39
N TYR A 118 -0.85 6.24 16.18
CA TYR A 118 -0.65 4.96 16.84
C TYR A 118 -0.68 3.87 15.81
N LEU A 119 -1.70 3.91 14.95
CA LEU A 119 -1.79 2.94 13.86
C LEU A 119 -0.47 2.90 13.09
N ASP A 120 0.04 4.06 12.68
CA ASP A 120 1.34 4.20 12.04
C ASP A 120 2.54 3.48 12.69
N GLU A 121 2.60 3.52 14.02
CA GLU A 121 3.74 2.99 14.80
C GLU A 121 3.48 1.63 15.43
N SER A 122 2.47 0.93 14.94
CA SER A 122 2.14 -0.34 15.49
C SER A 122 3.02 -1.42 14.98
N TRP A 123 3.75 -1.18 13.89
CA TRP A 123 4.32 -2.31 13.13
C TRP A 123 5.82 -2.34 13.12
N GLY A 124 6.48 -1.38 13.72
CA GLY A 124 7.93 -1.39 13.77
C GLY A 124 8.49 -0.05 13.38
N ASN A 125 9.81 0.07 13.46
CA ASN A 125 10.51 1.30 13.16
C ASN A 125 10.86 1.43 11.66
N LYS A 126 10.55 2.56 11.00
CA LYS A 126 10.96 2.67 9.59
C LYS A 126 12.49 2.62 9.52
N ARG A 127 13.17 3.28 10.42
CA ARG A 127 14.63 3.53 10.25
C ARG A 127 15.49 2.31 10.62
N ARG A 128 15.00 1.53 11.58
CA ARG A 128 15.82 0.54 12.26
C ARG A 128 15.45 -0.83 11.71
N ILE A 129 14.36 -0.84 10.95
CA ILE A 129 13.70 -2.05 10.55
C ILE A 129 13.63 -3.03 11.75
N ASP A 130 13.00 -2.59 12.84
CA ASP A 130 12.81 -3.52 13.95
C ASP A 130 11.46 -3.35 14.63
N TYR A 131 11.16 -4.25 15.58
CA TYR A 131 9.92 -4.32 16.33
C TYR A 131 10.19 -4.68 17.77
N GLY A 132 9.34 -4.28 18.68
CA GLY A 132 9.56 -4.64 20.08
C GLY A 132 8.26 -4.58 20.87
N SER A 133 8.39 -4.51 22.18
CA SER A 133 7.27 -4.22 23.12
C SER A 133 6.60 -2.88 22.87
N GLY A 134 7.39 -1.87 22.57
CA GLY A 134 6.83 -0.56 22.33
C GLY A 134 5.88 -0.57 21.12
N HIS A 135 6.09 -1.48 20.19
CA HIS A 135 5.23 -1.41 19.04
C HIS A 135 3.90 -2.11 19.28
N GLU A 136 3.99 -3.31 19.82
CA GLU A 136 2.81 -3.99 20.31
C GLU A 136 2.04 -3.08 21.27
N LEU A 137 2.75 -2.24 22.00
CA LEU A 137 2.09 -1.39 23.00
C LEU A 137 1.35 -0.26 22.33
N ASN A 138 1.94 0.28 21.27
CA ASN A 138 1.28 1.29 20.47
C ASN A 138 -0.06 0.78 19.98
N PHE A 139 -0.03 -0.42 19.43
CA PHE A 139 -1.29 -1.01 19.02
C PHE A 139 -2.28 -0.91 20.16
N MET A 140 -1.92 -1.42 21.33
CA MET A 140 -2.88 -1.39 22.39
C MET A 140 -3.38 0.03 22.69
N CYS A 141 -2.48 1.01 22.60
CA CYS A 141 -2.80 2.40 22.80
C CYS A 141 -3.83 2.84 21.79
N LEU A 142 -3.67 2.38 20.56
CA LEU A 142 -4.67 2.59 19.53
C LEU A 142 -6.03 2.03 19.99
N LEU A 143 -5.97 0.80 20.45
CA LEU A 143 -7.15 0.04 20.72
C LEU A 143 -7.78 0.70 21.90
N TYR A 144 -6.97 1.27 22.76
CA TYR A 144 -7.48 1.93 23.92
C TYR A 144 -8.16 3.25 23.57
N GLY A 145 -7.65 3.86 22.49
CA GLY A 145 -8.17 5.12 21.96
C GLY A 145 -9.54 4.99 21.31
N LEU A 146 -9.68 4.00 20.42
CA LEU A 146 -10.96 3.60 19.88
C LEU A 146 -11.99 3.48 21.01
N TYR A 147 -11.69 2.58 21.93
CA TYR A 147 -12.51 2.36 23.13
C TYR A 147 -12.89 3.63 23.80
N SER A 148 -11.90 4.44 24.15
CA SER A 148 -12.18 5.66 24.87
C SER A 148 -12.90 6.72 23.99
N TYR A 149 -13.03 6.47 22.68
CA TYR A 149 -13.86 7.38 21.86
C TYR A 149 -15.25 6.82 21.60
N GLY A 150 -15.65 5.86 22.42
CA GLY A 150 -16.91 5.19 22.24
C GLY A 150 -16.94 4.13 21.16
N ILE A 151 -15.82 3.82 20.51
CA ILE A 151 -15.96 2.83 19.44
C ILE A 151 -16.11 1.36 19.90
N PHE A 152 -15.71 1.09 21.16
CA PHE A 152 -15.77 -0.23 21.78
C PHE A 152 -16.46 -0.22 23.11
N ASN A 153 -17.36 -1.17 23.31
CA ASN A 153 -18.09 -1.38 24.59
C ASN A 153 -17.38 -2.51 25.40
N LEU A 154 -16.75 -2.11 26.50
CA LEU A 154 -15.94 -2.99 27.34
C LEU A 154 -16.59 -4.37 27.65
N SER A 155 -17.85 -4.41 28.08
CA SER A 155 -18.55 -5.68 28.36
C SER A 155 -18.82 -6.57 27.13
N ASN A 156 -19.44 -5.97 26.11
CA ASN A 156 -19.72 -6.64 24.84
C ASN A 156 -18.53 -6.87 23.92
N ASP A 157 -17.38 -6.31 24.28
CA ASP A 157 -16.25 -6.42 23.41
C ASP A 157 -15.10 -7.12 24.05
N SER A 158 -14.53 -6.52 25.08
CA SER A 158 -13.44 -7.11 25.86
C SER A 158 -12.85 -8.43 25.35
N THR A 159 -13.60 -9.52 25.47
CA THR A 159 -13.06 -10.80 25.11
C THR A 159 -12.65 -10.74 23.63
N ASN A 160 -13.60 -10.35 22.78
CA ASN A 160 -13.36 -10.18 21.35
C ASN A 160 -12.25 -9.22 20.94
N LEU A 161 -11.86 -8.26 21.79
CA LEU A 161 -10.74 -7.36 21.48
C LEU A 161 -9.48 -8.21 21.43
N VAL A 162 -9.42 -9.16 22.37
CA VAL A 162 -8.25 -10.05 22.50
C VAL A 162 -8.32 -11.17 21.49
N LEU A 163 -9.46 -11.82 21.38
CA LEU A 163 -9.52 -13.01 20.55
C LEU A 163 -9.64 -12.75 19.03
N LYS A 164 -10.35 -11.71 18.64
CA LYS A 164 -10.42 -11.45 17.23
C LYS A 164 -9.38 -10.41 16.80
N VAL A 165 -9.40 -9.25 17.44
CA VAL A 165 -8.54 -8.16 17.03
C VAL A 165 -7.07 -8.47 17.34
N PHE A 166 -6.66 -8.58 18.59
CA PHE A 166 -5.24 -8.82 18.88
C PHE A 166 -4.61 -10.05 18.24
N ILE A 167 -5.30 -11.19 18.26
CA ILE A 167 -4.73 -12.41 17.61
C ILE A 167 -4.54 -12.22 16.10
N GLU A 168 -5.42 -11.43 15.49
CA GLU A 168 -5.33 -11.17 14.08
C GLU A 168 -4.07 -10.37 13.80
N TYR A 169 -3.92 -9.30 14.60
CA TYR A 169 -2.76 -8.43 14.69
C TYR A 169 -1.45 -9.21 14.78
N LEU A 170 -1.48 -10.28 15.57
CA LEU A 170 -0.30 -11.03 15.90
C LEU A 170 0.07 -11.84 14.68
N LYS A 171 -0.97 -12.35 14.00
CA LYS A 171 -0.85 -13.04 12.73
C LYS A 171 -0.16 -12.17 11.71
N ILE A 172 -0.52 -10.89 11.66
CA ILE A 172 0.14 -9.92 10.78
C ILE A 172 1.58 -9.71 11.18
N MET A 173 1.83 -9.52 12.46
CA MET A 173 3.19 -9.37 12.91
C MET A 173 4.01 -10.55 12.46
N ARG A 174 3.49 -11.74 12.71
CA ARG A 174 4.20 -12.95 12.30
C ARG A 174 4.57 -12.91 10.77
N ILE A 175 3.69 -12.43 9.90
CA ILE A 175 4.03 -12.26 8.50
C ILE A 175 5.13 -11.22 8.32
N LEU A 176 4.95 -10.04 8.90
CA LEU A 176 6.00 -9.02 8.78
C LEU A 176 7.30 -9.63 9.20
N GLU A 177 7.42 -9.93 10.50
CA GLU A 177 8.57 -10.61 11.11
C GLU A 177 9.25 -11.58 10.18
N THR A 178 8.53 -12.53 9.62
CA THR A 178 9.19 -13.45 8.69
C THR A 178 9.53 -12.85 7.35
N LYS A 179 8.57 -12.20 6.71
CA LYS A 179 8.77 -11.60 5.40
C LYS A 179 9.96 -10.64 5.34
N TYR A 180 10.17 -9.80 6.36
CA TYR A 180 11.15 -8.71 6.29
C TYR A 180 12.35 -8.81 7.21
N TRP A 181 12.37 -9.88 8.02
CA TRP A 181 13.45 -10.17 8.94
C TRP A 181 13.62 -9.06 9.98
N LEU A 182 12.50 -8.53 10.47
CA LEU A 182 12.51 -7.48 11.48
C LEU A 182 13.39 -7.86 12.64
N GLU A 183 14.23 -6.93 13.01
CA GLU A 183 15.14 -7.15 14.10
C GLU A 183 14.41 -7.07 15.45
N PRO A 184 14.87 -7.84 16.43
CA PRO A 184 14.23 -7.73 17.73
C PRO A 184 14.56 -6.36 18.31
N ALA A 185 13.60 -5.70 18.94
CA ALA A 185 13.90 -4.36 19.39
C ALA A 185 14.88 -4.49 20.56
N GLY A 186 14.94 -5.69 21.15
CA GLY A 186 16.01 -6.08 22.10
C GLY A 186 16.36 -5.14 23.22
N SER A 187 15.43 -4.23 23.54
CA SER A 187 15.51 -3.31 24.70
C SER A 187 14.93 -3.85 26.06
N HIS A 188 15.00 -5.18 26.26
CA HIS A 188 15.01 -5.86 27.57
C HIS A 188 16.35 -6.54 27.58
N GLY A 189 16.90 -6.82 28.75
CA GLY A 189 18.25 -7.40 28.83
C GLY A 189 18.33 -8.72 28.10
N VAL A 190 18.46 -9.79 28.89
CA VAL A 190 18.58 -11.14 28.39
C VAL A 190 17.45 -11.96 28.99
N TRP A 191 16.67 -11.31 29.84
CA TRP A 191 15.57 -11.98 30.51
C TRP A 191 14.26 -11.43 30.05
N GLY A 192 14.24 -10.90 28.84
CA GLY A 192 12.98 -10.63 28.15
C GLY A 192 12.48 -11.96 27.65
N LEU A 193 11.18 -12.14 27.56
CA LEU A 193 10.62 -13.42 27.13
C LEU A 193 11.08 -13.92 25.77
N ASP A 194 11.06 -13.03 24.80
CA ASP A 194 10.93 -13.38 23.38
C ASP A 194 11.54 -12.27 22.54
N ASP A 195 11.91 -12.59 21.31
CA ASP A 195 12.48 -11.56 20.43
C ASP A 195 11.55 -10.32 20.24
N TYR A 196 10.25 -10.56 20.01
CA TYR A 196 9.40 -9.49 19.55
C TYR A 196 8.24 -9.17 20.49
N HIS A 197 7.82 -10.16 21.27
CA HIS A 197 6.50 -10.05 21.86
C HIS A 197 6.45 -10.30 23.32
N PHE A 198 5.50 -9.60 23.96
CA PHE A 198 5.21 -9.77 25.37
C PHE A 198 3.74 -10.13 25.59
N LEU A 199 2.84 -9.22 25.24
CA LEU A 199 1.42 -9.48 25.51
C LEU A 199 0.81 -10.87 25.16
N PRO A 200 1.18 -11.49 24.03
CA PRO A 200 0.80 -12.90 23.87
C PRO A 200 0.98 -13.72 25.12
N PHE A 201 2.18 -13.77 25.66
CA PHE A 201 2.40 -14.45 26.92
C PHE A 201 1.43 -13.98 28.01
N LEU A 202 1.42 -12.69 28.33
CA LEU A 202 0.41 -12.14 29.27
C LEU A 202 -1.02 -12.70 29.05
N PHE A 203 -1.71 -12.27 28.01
CA PHE A 203 -3.03 -12.86 27.70
C PHE A 203 -3.03 -14.42 27.69
N GLY A 204 -2.09 -15.03 26.98
CA GLY A 204 -1.98 -16.48 26.90
C GLY A 204 -2.16 -17.12 28.26
N ALA A 205 -1.65 -16.43 29.28
CA ALA A 205 -1.58 -17.04 30.60
C ALA A 205 -2.92 -16.87 31.29
N PHE A 206 -3.59 -15.76 31.01
CA PHE A 206 -4.94 -15.66 31.46
C PHE A 206 -5.75 -16.77 30.82
N GLN A 207 -5.51 -17.04 29.55
CA GLN A 207 -6.27 -18.08 28.95
C GLN A 207 -6.21 -19.41 29.71
N LEU A 208 -5.02 -19.81 30.17
CA LEU A 208 -4.88 -21.16 30.78
C LEU A 208 -5.03 -21.27 32.29
N THR A 209 -5.58 -20.25 32.94
CA THR A 209 -5.60 -20.15 34.40
C THR A 209 -6.39 -21.29 34.98
N THR A 210 -7.32 -21.71 34.15
CA THR A 210 -8.46 -22.50 34.54
C THR A 210 -8.29 -24.02 34.18
N HIS A 211 -7.23 -24.33 33.44
CA HIS A 211 -7.08 -25.61 32.79
C HIS A 211 -6.78 -26.70 33.77
N LYS A 212 -7.60 -27.75 33.71
CA LYS A 212 -7.47 -28.90 34.59
C LYS A 212 -6.36 -29.83 34.11
N HIS A 213 -5.69 -29.48 33.02
CA HIS A 213 -4.62 -30.32 32.48
C HIS A 213 -3.29 -29.65 31.95
N LEU A 214 -3.29 -28.55 31.19
CA LEU A 214 -1.98 -28.03 30.86
C LEU A 214 -1.37 -27.39 32.13
N LYS A 215 -0.05 -27.45 32.32
CA LYS A 215 0.67 -26.84 33.47
C LYS A 215 1.82 -26.10 32.80
N PRO A 216 2.40 -25.06 33.43
CA PRO A 216 3.50 -24.38 32.74
C PRO A 216 4.61 -25.32 32.22
N ILE A 217 5.03 -26.31 33.00
CA ILE A 217 5.93 -27.35 32.46
C ILE A 217 5.57 -27.90 31.05
N SER A 218 4.32 -27.71 30.66
CA SER A 218 3.85 -28.33 29.46
C SER A 218 4.52 -27.81 28.20
N ILE A 219 4.99 -26.57 28.23
CA ILE A 219 5.50 -26.02 26.99
C ILE A 219 6.75 -26.74 26.53
N HIS A 220 7.27 -27.64 27.36
CA HIS A 220 8.41 -28.50 27.00
C HIS A 220 8.03 -29.78 26.18
N ASN A 221 6.73 -30.10 26.13
CA ASN A 221 6.21 -31.29 25.57
C ASN A 221 5.74 -31.00 24.14
N ASN A 222 6.51 -31.42 23.14
CA ASN A 222 6.30 -30.94 21.76
C ASN A 222 4.98 -31.30 21.16
N GLU A 223 4.42 -32.44 21.59
CA GLU A 223 3.11 -32.87 21.10
C GLU A 223 1.99 -31.96 21.70
N LEU A 224 2.11 -31.59 22.97
CA LEU A 224 1.19 -30.57 23.49
C LEU A 224 1.30 -29.26 22.71
N VAL A 225 2.54 -28.83 22.51
CA VAL A 225 2.78 -27.60 21.79
C VAL A 225 2.06 -27.60 20.39
N GLU A 226 2.33 -28.55 19.53
CA GLU A 226 1.62 -28.45 18.28
C GLU A 226 0.11 -28.77 18.35
N MET A 227 -0.33 -29.50 19.39
CA MET A 227 -1.76 -29.72 19.55
C MET A 227 -2.49 -28.43 19.93
N PHE A 228 -1.89 -27.57 20.75
CA PHE A 228 -2.61 -26.38 21.15
C PHE A 228 -2.04 -25.09 20.51
N ALA A 229 -1.09 -25.23 19.59
CA ALA A 229 -0.50 -24.06 18.91
C ALA A 229 -1.48 -22.92 18.51
N HIS A 230 -2.60 -23.31 17.92
CA HIS A 230 -3.50 -22.36 17.22
C HIS A 230 -4.68 -22.14 18.14
N ARG A 231 -4.65 -22.80 19.31
CA ARG A 231 -5.73 -22.82 20.28
C ARG A 231 -5.38 -22.05 21.54
N TYR A 232 -4.12 -21.93 21.89
CA TYR A 232 -3.76 -21.16 23.04
C TYR A 232 -2.57 -20.30 22.70
N LEU A 233 -2.80 -18.97 22.77
CA LEU A 233 -1.76 -17.99 22.56
C LEU A 233 -0.41 -18.50 23.06
N TYR A 234 -0.36 -18.97 24.29
CA TYR A 234 0.97 -19.15 24.84
C TYR A 234 1.67 -20.27 24.18
N PHE A 235 0.89 -21.22 23.65
CA PHE A 235 1.50 -22.36 23.03
C PHE A 235 1.87 -22.01 21.60
N GLY A 236 1.15 -21.05 21.03
CA GLY A 236 1.39 -20.64 19.66
C GLY A 236 2.78 -20.09 19.62
N CYS A 237 3.05 -19.22 20.57
CA CYS A 237 4.34 -18.58 20.72
C CYS A 237 5.44 -19.58 20.85
N ILE A 238 5.31 -20.49 21.81
CA ILE A 238 6.27 -21.57 21.95
C ILE A 238 6.45 -22.31 20.60
N ALA A 239 5.36 -22.49 19.87
CA ALA A 239 5.45 -23.29 18.64
C ALA A 239 6.34 -22.51 17.67
N PHE A 240 6.00 -21.25 17.46
CA PHE A 240 6.87 -20.33 16.78
C PHE A 240 8.32 -20.43 17.25
N ILE A 241 8.57 -20.34 18.54
CA ILE A 241 9.94 -20.40 18.99
C ILE A 241 10.59 -21.70 18.54
N ASN A 242 9.88 -22.82 18.73
CA ASN A 242 10.41 -24.14 18.38
C ASN A 242 10.89 -24.25 16.93
N LYS A 243 10.34 -23.49 15.97
CA LYS A 243 10.85 -23.51 14.56
C LYS A 243 12.33 -23.12 14.51
N VAL A 244 12.56 -21.81 14.76
CA VAL A 244 13.86 -21.14 15.09
C VAL A 244 14.99 -21.94 15.83
N LYS A 245 14.74 -22.41 17.04
CA LYS A 245 15.77 -23.09 17.83
C LYS A 245 15.69 -24.61 17.72
N SER A 246 15.51 -25.08 16.47
CA SER A 246 15.28 -26.49 16.16
C SER A 246 16.12 -27.44 17.03
N SER A 247 15.40 -28.40 17.65
CA SER A 247 15.86 -29.47 18.59
C SER A 247 16.85 -29.05 19.73
N ALA A 248 17.14 -27.75 19.81
CA ALA A 248 17.85 -27.16 20.94
C ALA A 248 16.82 -26.84 22.03
N SER A 249 17.21 -27.05 23.28
CA SER A 249 16.34 -26.76 24.42
C SER A 249 15.81 -25.30 24.46
N LEU A 250 14.86 -25.05 25.33
CA LEU A 250 14.21 -23.76 25.41
C LEU A 250 15.09 -22.74 26.11
N ARG A 251 15.86 -23.17 27.13
CA ARG A 251 16.80 -22.26 27.85
C ARG A 251 17.68 -21.51 26.85
N TRP A 252 18.24 -22.23 25.88
CA TRP A 252 19.13 -21.64 24.90
C TRP A 252 18.43 -20.49 24.22
N HIS A 253 17.13 -20.61 24.13
CA HIS A 253 16.48 -19.59 23.42
C HIS A 253 16.09 -18.45 24.31
N SER A 254 15.57 -18.76 25.50
CA SER A 254 14.96 -17.75 26.35
C SER A 254 14.85 -18.20 27.77
N PRO A 255 15.85 -17.88 28.57
CA PRO A 255 15.73 -18.40 29.89
C PRO A 255 14.69 -17.73 30.83
N MET A 256 14.04 -16.63 30.45
CA MET A 256 12.92 -16.16 31.32
C MET A 256 11.87 -17.20 31.16
N LEU A 257 11.50 -17.46 29.92
CA LEU A 257 10.53 -18.49 29.60
C LEU A 257 10.88 -19.80 30.22
N ASP A 258 12.14 -20.22 30.07
CA ASP A 258 12.50 -21.47 30.67
C ASP A 258 12.17 -21.42 32.15
N ASP A 259 12.43 -20.30 32.81
CA ASP A 259 12.26 -20.22 34.28
C ASP A 259 10.83 -20.20 34.72
N ILE A 260 10.00 -19.54 33.89
CA ILE A 260 8.56 -19.46 34.05
C ILE A 260 7.91 -20.84 34.02
N SER A 261 8.42 -21.74 33.17
CA SER A 261 7.87 -23.10 33.00
C SER A 261 8.08 -23.92 34.27
N GLY A 262 8.87 -23.40 35.20
CA GLY A 262 9.05 -24.09 36.46
C GLY A 262 8.11 -23.66 37.54
N VAL A 263 7.00 -23.02 37.20
CA VAL A 263 6.13 -22.37 38.19
C VAL A 263 4.96 -23.25 38.37
N LYS A 264 4.51 -23.45 39.60
CA LYS A 264 3.49 -24.45 39.83
C LYS A 264 2.19 -24.35 38.99
N THR A 265 1.69 -23.17 38.69
CA THR A 265 0.39 -23.07 38.01
C THR A 265 0.35 -21.94 37.01
N TRP A 266 -0.51 -22.09 36.00
CA TRP A 266 -0.78 -21.03 35.06
C TRP A 266 -1.23 -19.84 35.83
N SER A 267 -1.96 -20.11 36.90
CA SER A 267 -2.51 -19.02 37.69
C SER A 267 -1.47 -18.18 38.36
N LYS A 268 -0.44 -18.78 38.93
CA LYS A 268 0.63 -17.94 39.46
C LYS A 268 1.42 -17.29 38.34
N VAL A 269 1.43 -17.90 37.15
CA VAL A 269 2.24 -17.38 36.09
C VAL A 269 1.64 -16.06 35.68
N ALA A 270 0.33 -16.04 35.37
CA ALA A 270 -0.41 -14.82 34.94
C ALA A 270 -0.19 -13.63 35.85
N GLU A 271 -0.34 -13.81 37.16
CA GLU A 271 -0.01 -12.75 38.14
C GLU A 271 1.43 -12.24 38.00
N GLY A 272 2.41 -13.12 37.82
CA GLY A 272 3.79 -12.71 37.65
C GLY A 272 3.88 -11.82 36.43
N MET A 273 3.21 -12.26 35.37
CA MET A 273 3.25 -11.62 34.08
C MET A 273 2.73 -10.20 34.15
N ILE A 274 1.88 -9.89 35.12
CA ILE A 274 1.35 -8.55 35.25
C ILE A 274 2.34 -7.68 35.99
N LYS A 275 2.88 -8.20 37.08
CA LYS A 275 3.91 -7.49 37.81
C LYS A 275 4.99 -7.16 36.82
N MET A 276 5.27 -8.11 35.94
CA MET A 276 6.40 -8.01 35.01
C MET A 276 6.12 -6.95 33.97
N TYR A 277 4.96 -7.00 33.31
CA TYR A 277 4.54 -5.92 32.44
C TYR A 277 4.47 -4.58 33.16
N LYS A 278 3.79 -4.51 34.30
CA LYS A 278 3.79 -3.25 34.97
C LYS A 278 5.25 -2.80 35.04
N ALA A 279 6.17 -3.68 35.46
CA ALA A 279 7.54 -3.25 35.79
C ALA A 279 8.53 -3.14 34.62
N GLU A 280 8.49 -4.10 33.70
CA GLU A 280 9.51 -4.17 32.66
C GLU A 280 9.10 -3.61 31.31
N VAL A 281 7.85 -3.17 31.16
CA VAL A 281 7.47 -2.39 29.99
C VAL A 281 7.07 -0.97 30.37
N LEU A 282 6.12 -0.87 31.29
CA LEU A 282 5.55 0.43 31.56
C LEU A 282 6.37 1.25 32.55
N SER A 283 7.59 0.76 32.85
CA SER A 283 8.54 1.55 33.62
C SER A 283 9.98 1.35 33.09
N LYS A 284 10.14 1.17 31.79
CA LYS A 284 11.47 1.21 31.19
C LYS A 284 11.59 2.52 30.44
N LEU A 285 12.38 3.45 30.99
CA LEU A 285 12.69 4.69 30.32
C LEU A 285 12.79 4.43 28.83
N PRO A 286 13.85 3.71 28.37
CA PRO A 286 13.99 3.30 26.97
C PRO A 286 12.70 3.05 26.19
N ILE A 287 11.77 2.23 26.69
CA ILE A 287 10.45 2.08 26.01
C ILE A 287 9.60 3.36 26.12
N MET A 288 9.31 3.73 27.36
CA MET A 288 8.33 4.75 27.71
C MET A 288 8.58 6.14 27.03
N GLN A 289 9.84 6.52 26.80
CA GLN A 289 10.09 7.81 26.22
C GLN A 289 9.82 7.78 24.72
N HIS A 290 9.24 6.69 24.23
CA HIS A 290 8.86 6.59 22.82
C HIS A 290 7.36 6.35 22.67
N PHE A 291 6.67 6.53 23.77
CA PHE A 291 5.25 6.27 23.89
C PHE A 291 4.63 7.65 23.76
N TYR A 292 3.56 7.70 22.98
CA TYR A 292 2.97 8.95 22.51
C TYR A 292 1.88 9.41 23.44
N PHE A 293 2.00 10.60 24.00
CA PHE A 293 0.82 11.14 24.64
C PHE A 293 -0.10 11.81 23.64
N SER A 294 -1.37 11.96 24.04
CA SER A 294 -2.48 12.24 23.12
C SER A 294 -3.61 12.79 23.97
N GLU A 295 -4.65 13.31 23.35
CA GLU A 295 -5.78 13.76 24.18
C GLU A 295 -6.43 12.58 24.96
N PHE A 296 -6.72 11.45 24.31
CA PHE A 296 -7.31 10.31 25.04
C PHE A 296 -6.35 9.61 26.04
N LEU A 297 -5.03 9.77 25.87
CA LEU A 297 -3.99 9.42 26.88
C LEU A 297 -3.19 10.66 27.37
N PRO A 298 -3.77 11.51 28.24
CA PRO A 298 -3.04 12.72 28.68
C PRO A 298 -1.70 12.54 29.48
N CYS A 299 -0.70 13.38 29.14
CA CYS A 299 0.45 13.84 30.00
C CYS A 299 1.76 14.18 29.28
N PRO B 3 1.27 21.07 -2.79
CA PRO B 3 2.53 20.45 -2.25
C PRO B 3 3.41 19.68 -3.28
N GLU B 4 2.85 19.34 -4.46
CA GLU B 4 3.59 18.72 -5.56
C GLU B 4 4.02 19.73 -6.57
N LYS B 5 5.26 19.56 -7.01
CA LYS B 5 5.95 20.52 -7.80
C LYS B 5 6.91 19.85 -8.81
N ARG B 6 7.24 20.59 -9.85
CA ARG B 6 8.41 20.32 -10.64
C ARG B 6 9.65 20.51 -9.80
N LEU B 7 10.50 19.51 -9.60
CA LEU B 7 11.73 19.87 -8.90
C LEU B 7 13.00 19.68 -9.75
N LEU B 8 12.95 19.03 -10.91
CA LEU B 8 14.16 18.67 -11.70
C LEU B 8 14.99 19.72 -12.64
N THR B 9 16.37 19.78 -12.54
CA THR B 9 17.45 20.32 -13.59
C THR B 9 19.03 20.40 -13.32
N PRO B 10 19.95 19.78 -14.13
CA PRO B 10 20.31 18.70 -15.09
C PRO B 10 21.44 17.70 -14.59
N ASP B 11 21.82 17.76 -13.32
CA ASP B 11 22.59 16.69 -12.67
C ASP B 11 21.63 16.16 -11.61
N ASP B 12 20.48 16.83 -11.56
CA ASP B 12 19.32 16.36 -10.85
C ASP B 12 18.82 15.13 -11.55
N MET B 13 18.97 15.11 -12.88
CA MET B 13 18.56 13.93 -13.65
C MET B 13 19.39 12.70 -13.28
N LYS B 14 20.67 12.90 -12.98
CA LYS B 14 21.45 11.82 -12.34
C LYS B 14 20.77 11.30 -11.07
N LEU B 15 20.40 12.19 -10.14
CA LEU B 15 19.69 11.76 -8.93
C LEU B 15 18.33 11.12 -9.21
N TRP B 16 17.64 11.58 -10.27
CA TRP B 16 16.39 10.98 -10.66
C TRP B 16 16.64 9.55 -11.17
N GLU B 17 17.65 9.39 -12.03
CA GLU B 17 18.01 8.08 -12.55
C GLU B 17 18.41 7.08 -11.47
N GLU B 18 19.00 7.51 -10.39
CA GLU B 18 19.40 6.55 -9.35
C GLU B 18 18.40 6.42 -8.19
N SER B 19 17.19 6.93 -8.36
CA SER B 19 16.28 7.11 -7.23
C SER B 19 15.29 5.94 -7.04
N PRO B 20 14.84 5.68 -5.76
CA PRO B 20 13.84 4.64 -5.48
C PRO B 20 12.51 5.01 -6.11
N THR B 21 12.22 6.31 -6.12
CA THR B 21 11.02 6.83 -6.77
C THR B 21 10.89 6.36 -8.20
N ARG B 22 11.92 6.58 -9.01
CA ARG B 22 11.99 6.08 -10.38
C ARG B 22 11.99 4.53 -10.57
N ALA B 23 12.64 3.76 -9.69
CA ALA B 23 12.64 2.29 -9.80
C ALA B 23 11.22 1.80 -9.52
N HIS B 24 10.65 2.28 -8.42
CA HIS B 24 9.27 1.95 -8.05
C HIS B 24 8.31 2.29 -9.19
N PHE B 25 8.32 3.53 -9.65
CA PHE B 25 7.46 3.95 -10.75
C PHE B 25 7.77 3.12 -11.98
N THR B 26 9.03 3.01 -12.41
CA THR B 26 9.35 2.13 -13.56
C THR B 26 8.60 0.77 -13.44
N LYS B 27 8.75 0.17 -12.25
CA LYS B 27 8.31 -1.17 -11.90
C LYS B 27 6.80 -1.34 -11.99
N PHE B 28 6.10 -0.29 -11.62
CA PHE B 28 4.66 -0.29 -11.76
C PHE B 28 4.37 -0.46 -13.25
N ILE B 29 4.98 0.38 -14.10
CA ILE B 29 4.71 0.37 -15.53
C ILE B 29 4.94 -1.05 -16.13
N ILE B 30 6.12 -1.57 -15.87
CA ILE B 30 6.50 -2.89 -16.32
C ILE B 30 5.49 -3.95 -15.80
N ASP B 31 5.07 -3.81 -14.55
CA ASP B 31 3.99 -4.64 -14.05
C ASP B 31 2.67 -4.57 -14.85
N LEU B 32 2.17 -3.39 -15.22
CA LEU B 32 1.01 -3.35 -16.14
C LEU B 32 1.30 -4.01 -17.44
N ALA B 33 2.49 -3.76 -17.98
CA ALA B 33 2.89 -4.34 -19.30
C ALA B 33 2.72 -5.80 -19.21
N GLU B 34 3.30 -6.36 -18.13
CA GLU B 34 3.25 -7.80 -17.90
C GLU B 34 1.83 -8.39 -17.75
N SER B 35 0.93 -7.69 -17.07
CA SER B 35 -0.44 -8.20 -16.97
C SER B 35 -1.08 -8.34 -18.35
N VAL B 36 -0.43 -7.78 -19.34
CA VAL B 36 -1.05 -7.68 -20.65
C VAL B 36 -0.46 -8.67 -21.65
N LYS B 37 0.52 -9.47 -21.20
CA LYS B 37 1.20 -10.41 -22.09
C LYS B 37 0.29 -11.18 -23.04
N GLY B 38 -0.68 -11.92 -22.55
CA GLY B 38 -1.37 -12.77 -23.52
C GLY B 38 -2.49 -12.13 -24.31
N HIS B 39 -2.80 -10.88 -24.05
CA HIS B 39 -4.18 -10.39 -24.17
C HIS B 39 -4.56 -9.51 -25.32
N GLU B 40 -5.79 -9.71 -25.76
CA GLU B 40 -6.38 -8.87 -26.77
C GLU B 40 -7.03 -7.70 -26.13
N ASN B 41 -7.02 -6.57 -26.85
CA ASN B 41 -7.76 -5.35 -26.44
C ASN B 41 -9.03 -5.51 -25.57
N SER B 42 -9.76 -6.61 -25.76
CA SER B 42 -11.02 -6.84 -25.10
C SER B 42 -10.92 -8.22 -24.47
N GLN B 43 -10.11 -8.35 -23.43
CA GLN B 43 -9.87 -9.62 -22.81
C GLN B 43 -9.57 -9.29 -21.37
N TYR B 44 -10.54 -8.57 -20.81
CA TYR B 44 -10.60 -8.15 -19.42
C TYR B 44 -10.57 -9.32 -18.49
N LYS B 45 -10.13 -9.06 -17.26
CA LYS B 45 -10.35 -9.98 -16.19
C LYS B 45 -11.83 -9.96 -15.74
N GLU B 46 -12.39 -11.16 -15.67
CA GLU B 46 -13.80 -11.43 -15.43
C GLU B 46 -14.37 -11.07 -14.04
N PRO B 47 -13.63 -11.33 -12.94
CA PRO B 47 -14.00 -10.43 -11.84
C PRO B 47 -13.46 -9.00 -12.12
N ILE B 48 -14.40 -8.10 -12.46
CA ILE B 48 -14.22 -6.67 -12.87
C ILE B 48 -14.48 -5.65 -11.70
N SER B 49 -13.42 -5.06 -11.19
CA SER B 49 -13.53 -4.17 -10.04
C SER B 49 -14.60 -3.10 -10.28
N GLU B 50 -15.39 -2.80 -9.26
CA GLU B 50 -16.10 -1.51 -9.19
C GLU B 50 -15.10 -0.33 -9.08
N SER B 51 -13.85 -0.64 -8.75
CA SER B 51 -12.80 0.37 -8.61
C SER B 51 -12.37 0.77 -9.98
N ILE B 52 -12.41 -0.20 -10.87
CA ILE B 52 -12.21 0.02 -12.30
C ILE B 52 -13.51 0.63 -12.82
N ASN B 53 -14.64 0.09 -12.44
CA ASN B 53 -15.87 0.72 -12.84
C ASN B 53 -15.92 2.19 -12.50
N SER B 54 -15.34 2.55 -11.37
CA SER B 54 -15.23 3.96 -11.05
C SER B 54 -14.20 4.71 -11.91
N MET B 55 -13.07 4.08 -12.26
CA MET B 55 -12.08 4.75 -13.10
C MET B 55 -12.72 4.97 -14.45
N MET B 56 -13.11 3.89 -15.13
CA MET B 56 -13.94 3.91 -16.37
C MET B 56 -14.91 5.07 -16.41
N ASN B 57 -15.88 5.14 -15.55
CA ASN B 57 -16.67 6.32 -15.79
C ASN B 57 -16.36 7.52 -14.88
N LEU B 58 -15.07 7.82 -14.76
CA LEU B 58 -14.63 9.16 -14.49
C LEU B 58 -14.13 9.58 -15.85
N LEU B 59 -13.57 8.60 -16.58
CA LEU B 59 -13.19 8.88 -17.94
C LEU B 59 -14.42 9.26 -18.73
N SER B 60 -15.58 8.73 -18.39
CA SER B 60 -16.70 9.22 -19.15
C SER B 60 -17.08 10.64 -18.72
N GLN B 61 -16.88 10.99 -17.45
CA GLN B 61 -17.15 12.37 -17.03
C GLN B 61 -16.27 13.34 -17.87
N ILE B 62 -14.97 13.05 -18.06
CA ILE B 62 -14.07 13.96 -18.81
C ILE B 62 -14.57 14.07 -20.24
N LYS B 63 -14.68 12.88 -20.83
CA LYS B 63 -15.31 12.69 -22.12
C LYS B 63 -16.58 13.54 -22.25
N ASP B 64 -17.45 13.58 -21.27
CA ASP B 64 -18.58 14.39 -21.60
C ASP B 64 -18.32 15.91 -21.63
N ILE B 65 -17.23 16.33 -20.97
CA ILE B 65 -16.74 17.73 -20.92
C ILE B 65 -16.20 18.21 -22.27
N THR B 66 -15.52 17.30 -22.95
CA THR B 66 -15.22 17.43 -24.38
C THR B 66 -16.46 17.72 -25.17
N GLN B 67 -17.32 16.74 -25.32
CA GLN B 67 -18.53 16.96 -26.10
C GLN B 67 -19.34 18.13 -25.52
N LYS B 68 -18.69 19.10 -24.88
CA LYS B 68 -19.35 20.40 -24.68
C LYS B 68 -18.46 21.63 -24.84
N HIS B 69 -17.33 21.44 -25.49
CA HIS B 69 -16.60 22.59 -25.96
C HIS B 69 -16.28 22.35 -27.41
N PRO B 70 -17.26 22.63 -28.30
CA PRO B 70 -17.05 22.52 -29.74
C PRO B 70 -16.13 23.60 -30.30
N VAL B 71 -15.46 23.29 -31.41
CA VAL B 71 -14.72 24.28 -32.20
C VAL B 71 -15.68 24.97 -33.16
N ILE B 72 -15.39 26.23 -33.48
CA ILE B 72 -16.35 27.08 -34.15
C ILE B 72 -15.83 27.49 -35.52
N LYS B 73 -16.50 26.95 -36.56
CA LYS B 73 -16.44 27.42 -37.99
C LYS B 73 -15.65 26.48 -38.89
N SER B 78 -4.83 28.43 -40.59
CA SER B 78 -5.58 27.89 -39.47
C SER B 78 -5.12 26.47 -39.17
N ARG B 79 -3.86 26.14 -39.46
CA ARG B 79 -3.34 24.78 -39.21
C ARG B 79 -3.10 24.41 -37.72
N PHE B 80 -3.10 25.37 -36.80
CA PHE B 80 -2.63 25.13 -35.39
C PHE B 80 -3.75 24.92 -34.37
N GLY B 81 -3.39 24.56 -33.14
CA GLY B 81 -4.34 24.12 -32.14
C GLY B 81 -5.44 25.11 -31.90
N LYS B 82 -6.60 24.63 -31.43
CA LYS B 82 -7.82 25.46 -31.37
C LYS B 82 -8.07 25.96 -29.98
N VAL B 83 -8.42 27.21 -29.81
CA VAL B 83 -8.38 27.78 -28.47
C VAL B 83 -9.37 27.12 -27.56
N GLU B 84 -10.54 26.76 -28.07
CA GLU B 84 -11.49 25.94 -27.31
C GLU B 84 -10.87 24.83 -26.38
N PHE B 85 -9.73 24.24 -26.75
CA PHE B 85 -8.99 23.34 -25.84
C PHE B 85 -8.78 23.94 -24.47
N ARG B 86 -8.46 25.23 -24.40
CA ARG B 86 -8.23 25.82 -23.11
C ARG B 86 -9.51 25.88 -22.30
N ASP B 87 -10.62 26.25 -22.95
CA ASP B 87 -11.93 26.06 -22.35
C ASP B 87 -12.14 24.61 -21.82
N PHE B 88 -11.91 23.59 -22.66
CA PHE B 88 -12.02 22.21 -22.19
C PHE B 88 -11.09 22.03 -20.99
N TYR B 89 -9.83 22.42 -21.21
CA TYR B 89 -8.79 22.33 -20.18
C TYR B 89 -9.14 22.94 -18.85
N ASP B 90 -9.76 24.11 -18.86
CA ASP B 90 -10.12 24.80 -17.62
C ASP B 90 -11.27 24.21 -16.85
N GLU B 91 -12.15 23.50 -17.53
CA GLU B 91 -13.20 22.79 -16.84
C GLU B 91 -12.74 21.48 -16.13
N VAL B 92 -11.77 20.78 -16.70
CA VAL B 92 -11.16 19.71 -15.97
C VAL B 92 -10.53 20.25 -14.69
N SER B 93 -9.82 21.37 -14.78
CA SER B 93 -9.08 21.87 -13.63
C SER B 93 -10.02 22.26 -12.54
N ARG B 94 -11.15 22.81 -12.95
CA ARG B 94 -12.18 23.26 -12.06
C ARG B 94 -12.83 22.03 -11.39
N ASN B 95 -12.63 20.83 -11.91
CA ASN B 95 -13.46 19.73 -11.41
C ASN B 95 -12.73 18.49 -10.92
N SER B 96 -11.48 18.36 -11.34
CA SER B 96 -10.59 17.29 -10.92
C SER B 96 -10.95 16.81 -9.55
N ARG B 97 -11.13 17.70 -8.57
CA ARG B 97 -11.47 17.27 -7.19
C ARG B 97 -12.90 16.75 -7.02
N LYS B 98 -13.87 17.63 -7.21
CA LYS B 98 -15.25 17.22 -7.40
C LYS B 98 -15.37 15.87 -8.10
N ILE B 99 -14.59 15.65 -9.16
CA ILE B 99 -14.71 14.39 -9.93
C ILE B 99 -14.07 13.20 -9.25
N LEU B 100 -12.78 13.33 -8.90
CA LEU B 100 -12.09 12.23 -8.26
C LEU B 100 -13.02 11.80 -7.14
N ARG B 101 -13.44 12.79 -6.34
CA ARG B 101 -14.26 12.57 -5.16
C ARG B 101 -15.58 11.83 -5.37
N SER B 102 -16.33 12.20 -6.42
CA SER B 102 -17.66 11.60 -6.65
C SER B 102 -17.50 10.14 -7.05
N GLU B 103 -16.35 9.83 -7.64
CA GLU B 103 -16.01 8.48 -8.04
C GLU B 103 -15.31 7.66 -6.95
N PHE B 104 -14.58 8.34 -6.05
CA PHE B 104 -13.78 7.66 -5.00
C PHE B 104 -14.01 8.28 -3.65
N PRO B 105 -15.18 8.04 -3.08
CA PRO B 105 -15.51 8.75 -1.85
C PRO B 105 -14.49 8.50 -0.76
N SER B 106 -13.86 7.33 -0.76
CA SER B 106 -12.88 6.97 0.29
C SER B 106 -11.67 7.90 0.47
N LEU B 107 -11.17 8.49 -0.61
CA LEU B 107 -10.03 9.40 -0.51
C LEU B 107 -10.33 10.73 0.19
N THR B 108 -9.33 11.20 0.94
CA THR B 108 -9.38 12.33 1.85
C THR B 108 -9.03 13.66 1.17
N ASP B 109 -9.32 14.80 1.76
CA ASP B 109 -8.95 16.07 1.09
C ASP B 109 -7.45 16.07 0.69
N GLU B 110 -6.59 15.63 1.59
CA GLU B 110 -5.13 15.66 1.43
C GLU B 110 -4.70 14.94 0.17
N GLN B 111 -5.40 13.86 -0.12
CA GLN B 111 -4.96 12.97 -1.13
C GLN B 111 -5.54 13.39 -2.44
N LEU B 112 -6.64 14.11 -2.43
CA LEU B 112 -7.15 14.67 -3.68
C LEU B 112 -6.21 15.78 -4.06
N GLU B 113 -5.83 16.61 -3.09
CA GLU B 113 -4.81 17.65 -3.28
C GLU B 113 -3.57 17.15 -4.02
N GLN B 114 -3.14 15.96 -3.63
CA GLN B 114 -2.03 15.27 -4.25
C GLN B 114 -2.37 14.70 -5.60
N LEU B 115 -3.62 14.34 -5.86
CA LEU B 115 -3.95 13.68 -7.16
C LEU B 115 -4.42 14.57 -8.27
N SER B 116 -5.21 15.59 -7.95
CA SER B 116 -5.82 16.44 -8.95
C SER B 116 -4.83 17.00 -9.95
N ILE B 117 -3.57 17.20 -9.57
CA ILE B 117 -2.63 17.90 -10.47
C ILE B 117 -2.42 17.03 -11.64
N TYR B 118 -2.26 15.73 -11.40
CA TYR B 118 -2.08 14.69 -12.45
C TYR B 118 -3.28 14.60 -13.33
N LEU B 119 -4.48 14.66 -12.77
CA LEU B 119 -5.68 14.61 -13.59
C LEU B 119 -5.74 15.82 -14.55
N ASP B 120 -5.33 16.96 -14.02
CA ASP B 120 -5.32 18.21 -14.73
C ASP B 120 -4.47 18.22 -15.96
N GLU B 121 -3.36 17.49 -15.96
CA GLU B 121 -2.49 17.50 -17.11
C GLU B 121 -2.33 16.15 -17.75
N SER B 122 -3.40 15.39 -17.84
CA SER B 122 -3.29 14.15 -18.52
C SER B 122 -3.77 14.39 -19.93
N TRP B 123 -4.06 15.66 -20.31
CA TRP B 123 -4.74 15.94 -21.61
C TRP B 123 -3.99 16.91 -22.56
N GLY B 124 -2.82 17.38 -22.14
CA GLY B 124 -2.08 18.31 -22.97
C GLY B 124 -1.82 19.63 -22.28
N ASN B 125 -1.09 20.49 -22.96
CA ASN B 125 -0.65 21.73 -22.41
C ASN B 125 -1.48 22.92 -22.86
N LYS B 126 -1.79 23.81 -21.94
CA LYS B 126 -2.79 24.75 -22.35
C LYS B 126 -2.32 26.00 -23.07
N ARG B 127 -1.14 26.52 -22.72
CA ARG B 127 -0.61 27.69 -23.43
C ARG B 127 -0.30 27.27 -24.85
N ARG B 128 0.42 26.15 -24.96
CA ARG B 128 0.90 25.60 -26.22
C ARG B 128 -0.12 24.77 -27.03
N ILE B 129 -1.24 24.35 -26.42
CA ILE B 129 -2.20 23.46 -27.10
C ILE B 129 -1.46 22.35 -27.86
N ASP B 130 -0.69 21.61 -27.09
CA ASP B 130 -0.01 20.43 -27.58
C ASP B 130 -0.10 19.28 -26.54
N TYR B 131 0.33 18.11 -26.96
CA TYR B 131 0.28 16.91 -26.17
C TYR B 131 1.52 16.07 -26.52
N GLY B 132 2.10 15.44 -25.54
CA GLY B 132 3.31 14.71 -25.79
C GLY B 132 3.32 13.52 -24.89
N SER B 133 4.45 12.85 -24.81
CA SER B 133 4.48 11.64 -24.05
C SER B 133 4.50 11.96 -22.55
N GLY B 134 4.86 13.20 -22.20
CA GLY B 134 4.80 13.64 -20.80
C GLY B 134 3.38 13.80 -20.30
N HIS B 135 2.41 14.07 -21.14
CA HIS B 135 1.05 14.16 -20.57
C HIS B 135 0.48 12.82 -20.29
N GLU B 136 0.98 11.87 -21.04
CA GLU B 136 0.62 10.49 -20.92
C GLU B 136 1.29 9.93 -19.67
N LEU B 137 2.38 10.55 -19.26
CA LEU B 137 3.08 10.11 -18.09
C LEU B 137 2.34 10.56 -16.81
N ASN B 138 1.99 11.84 -16.73
CA ASN B 138 1.00 12.31 -15.74
C ASN B 138 -0.23 11.40 -15.66
N PHE B 139 -0.74 10.90 -16.76
CA PHE B 139 -1.83 9.95 -16.57
C PHE B 139 -1.39 8.69 -15.82
N MET B 140 -0.21 8.14 -16.15
CA MET B 140 0.30 6.98 -15.41
C MET B 140 0.54 7.36 -13.97
N CYS B 141 0.99 8.59 -13.82
CA CYS B 141 1.24 9.14 -12.53
C CYS B 141 0.02 9.18 -11.69
N LEU B 142 -1.10 9.59 -12.23
CA LEU B 142 -2.35 9.47 -11.48
C LEU B 142 -2.71 8.01 -11.13
N LEU B 143 -2.73 7.16 -12.15
CA LEU B 143 -3.01 5.76 -11.96
C LEU B 143 -2.21 5.20 -10.80
N TYR B 144 -0.95 5.60 -10.68
CA TYR B 144 -0.08 5.18 -9.58
C TYR B 144 -0.42 5.82 -8.19
N GLY B 145 -0.98 7.02 -8.18
CA GLY B 145 -1.47 7.51 -6.90
C GLY B 145 -2.71 6.73 -6.48
N LEU B 146 -3.62 6.44 -7.41
CA LEU B 146 -4.71 5.57 -7.03
C LEU B 146 -4.15 4.23 -6.47
N TYR B 147 -3.21 3.61 -7.18
CA TYR B 147 -2.56 2.41 -6.64
C TYR B 147 -2.06 2.62 -5.24
N SER B 148 -1.30 3.68 -5.03
CA SER B 148 -0.56 3.74 -3.82
C SER B 148 -1.32 4.30 -2.66
N TYR B 149 -2.52 4.79 -2.93
CA TYR B 149 -3.46 5.07 -1.83
C TYR B 149 -4.52 3.98 -1.63
N GLY B 150 -4.24 2.76 -2.10
CA GLY B 150 -5.10 1.59 -1.85
C GLY B 150 -6.30 1.51 -2.77
N ILE B 151 -6.36 2.29 -3.85
CA ILE B 151 -7.56 2.32 -4.68
C ILE B 151 -7.74 1.15 -5.67
N PHE B 152 -6.70 0.75 -6.41
CA PHE B 152 -6.73 -0.48 -7.24
C PHE B 152 -5.97 -1.61 -6.58
N ASN B 153 -6.29 -2.86 -6.92
CA ASN B 153 -5.34 -3.91 -6.60
C ASN B 153 -4.73 -4.68 -7.77
N LEU B 154 -3.39 -4.70 -7.85
CA LEU B 154 -2.65 -5.43 -8.90
C LEU B 154 -3.19 -6.83 -9.24
N SER B 155 -3.33 -7.69 -8.24
CA SER B 155 -3.84 -9.01 -8.53
C SER B 155 -4.96 -8.99 -9.56
N ASN B 156 -5.93 -8.11 -9.40
CA ASN B 156 -7.11 -8.25 -10.27
C ASN B 156 -7.46 -6.98 -11.01
N ASP B 157 -6.64 -5.96 -10.83
CA ASP B 157 -6.85 -4.68 -11.52
C ASP B 157 -5.76 -4.38 -12.53
N SER B 158 -4.56 -4.88 -12.28
CA SER B 158 -3.45 -4.58 -13.17
C SER B 158 -3.82 -4.77 -14.66
N THR B 159 -4.41 -5.91 -15.05
CA THR B 159 -4.74 -6.12 -16.45
C THR B 159 -5.84 -5.26 -17.04
N ASN B 160 -6.75 -4.77 -16.18
CA ASN B 160 -7.82 -3.90 -16.63
C ASN B 160 -7.35 -2.46 -16.68
N LEU B 161 -6.36 -2.18 -15.85
CA LEU B 161 -5.75 -0.88 -15.82
C LEU B 161 -5.32 -0.50 -17.25
N VAL B 162 -4.91 -1.53 -18.00
CA VAL B 162 -4.37 -1.25 -19.30
C VAL B 162 -5.50 -1.34 -20.27
N LEU B 163 -6.25 -2.42 -20.17
CA LEU B 163 -7.18 -2.78 -21.23
C LEU B 163 -8.45 -1.99 -21.16
N LYS B 164 -8.93 -1.76 -19.93
CA LYS B 164 -10.14 -1.01 -19.68
C LYS B 164 -9.83 0.48 -19.68
N VAL B 165 -9.17 0.98 -18.62
CA VAL B 165 -8.85 2.40 -18.44
C VAL B 165 -7.88 2.93 -19.47
N PHE B 166 -6.64 2.44 -19.50
CA PHE B 166 -5.67 3.06 -20.39
C PHE B 166 -6.11 3.09 -21.84
N ILE B 167 -6.66 2.02 -22.35
CA ILE B 167 -7.29 2.09 -23.67
C ILE B 167 -8.39 3.13 -23.78
N GLU B 168 -9.20 3.39 -22.75
CA GLU B 168 -10.24 4.45 -22.91
C GLU B 168 -9.64 5.83 -22.96
N TYR B 169 -8.48 5.99 -22.32
CA TYR B 169 -7.80 7.23 -22.27
C TYR B 169 -7.28 7.42 -23.70
N LEU B 170 -6.87 6.37 -24.39
CA LEU B 170 -6.28 6.70 -25.69
C LEU B 170 -7.37 7.15 -26.58
N LYS B 171 -8.54 6.57 -26.33
CA LYS B 171 -9.68 6.78 -27.18
C LYS B 171 -10.16 8.20 -26.93
N ILE B 172 -10.05 8.68 -25.68
CA ILE B 172 -10.29 10.12 -25.37
C ILE B 172 -9.22 11.02 -26.09
N MET B 173 -7.95 10.80 -25.78
CA MET B 173 -6.84 11.47 -26.43
C MET B 173 -6.93 11.51 -27.95
N ARG B 174 -7.44 10.48 -28.61
CA ARG B 174 -7.67 10.60 -30.09
C ARG B 174 -8.84 11.47 -30.44
N ILE B 175 -9.74 11.75 -29.51
CA ILE B 175 -10.72 12.76 -29.84
C ILE B 175 -10.05 14.11 -29.67
N LEU B 176 -9.36 14.33 -28.57
CA LEU B 176 -8.87 15.68 -28.41
C LEU B 176 -7.88 16.03 -29.55
N GLU B 177 -6.94 15.15 -29.84
CA GLU B 177 -6.00 15.35 -30.90
C GLU B 177 -6.74 15.80 -32.16
N THR B 178 -8.03 15.47 -32.27
CA THR B 178 -8.74 15.53 -33.56
C THR B 178 -9.64 16.73 -33.60
N LYS B 179 -10.44 16.88 -32.56
CA LYS B 179 -11.31 18.01 -32.41
C LYS B 179 -10.54 19.34 -32.22
N TYR B 180 -9.28 19.27 -31.83
CA TYR B 180 -8.64 20.42 -31.25
C TYR B 180 -7.35 20.72 -31.91
N TRP B 181 -6.84 19.71 -32.60
CA TRP B 181 -5.68 19.88 -33.46
C TRP B 181 -4.44 20.06 -32.60
N LEU B 182 -4.34 19.19 -31.62
CA LEU B 182 -3.26 19.31 -30.65
C LEU B 182 -1.91 19.21 -31.36
N GLU B 183 -0.99 20.15 -31.13
CA GLU B 183 0.34 20.02 -31.75
C GLU B 183 1.17 18.90 -31.07
N PRO B 184 2.06 18.19 -31.82
CA PRO B 184 2.95 17.25 -31.11
C PRO B 184 3.94 18.07 -30.35
N ALA B 185 4.23 17.78 -29.09
CA ALA B 185 5.19 18.63 -28.37
C ALA B 185 6.66 18.27 -28.57
N GLY B 186 7.54 19.28 -28.44
CA GLY B 186 9.00 19.01 -28.49
C GLY B 186 9.59 18.81 -29.89
N SER B 187 10.62 19.62 -30.16
CA SER B 187 11.22 19.91 -31.51
C SER B 187 10.56 19.29 -32.78
N GLY B 192 12.45 10.45 -31.69
CA GLY B 192 11.00 10.31 -31.83
C GLY B 192 10.52 8.94 -32.32
N LEU B 193 9.31 8.56 -31.85
CA LEU B 193 8.61 7.28 -32.19
C LEU B 193 7.21 7.49 -32.89
N ASP B 194 6.47 8.49 -32.41
CA ASP B 194 5.11 8.80 -32.85
C ASP B 194 4.88 10.25 -32.49
N ASP B 195 3.87 10.84 -33.08
CA ASP B 195 3.59 12.23 -32.85
C ASP B 195 3.21 12.54 -31.39
N TYR B 196 2.46 11.64 -30.73
CA TYR B 196 1.84 11.93 -29.41
C TYR B 196 2.12 10.94 -28.30
N HIS B 197 2.06 9.64 -28.63
CA HIS B 197 2.23 8.57 -27.66
C HIS B 197 3.46 7.74 -27.73
N PHE B 198 3.71 7.07 -26.62
CA PHE B 198 4.74 6.06 -26.49
C PHE B 198 4.21 4.69 -25.91
N LEU B 199 3.85 4.66 -24.62
CA LEU B 199 3.21 3.44 -23.99
C LEU B 199 2.27 2.50 -24.84
N PRO B 200 1.34 3.03 -25.62
CA PRO B 200 0.57 2.13 -26.47
C PRO B 200 1.41 1.10 -27.31
N PHE B 201 2.62 1.49 -27.76
CA PHE B 201 3.57 0.56 -28.37
C PHE B 201 4.24 -0.38 -27.37
N LEU B 202 4.26 0.00 -26.10
CA LEU B 202 5.03 -0.73 -25.08
C LEU B 202 4.15 -1.85 -24.65
N PHE B 203 3.01 -1.49 -24.07
CA PHE B 203 1.98 -2.40 -23.69
C PHE B 203 1.60 -3.10 -24.92
N GLY B 204 1.39 -2.40 -26.02
CA GLY B 204 1.02 -3.02 -27.31
C GLY B 204 1.86 -4.22 -27.67
N ALA B 205 3.16 -4.17 -27.34
CA ALA B 205 4.14 -5.23 -27.64
C ALA B 205 4.01 -6.44 -26.75
N PHE B 206 3.84 -6.21 -25.46
CA PHE B 206 3.69 -7.30 -24.48
C PHE B 206 2.46 -8.11 -24.84
N GLN B 207 1.37 -7.40 -25.16
CA GLN B 207 0.21 -8.03 -25.77
C GLN B 207 0.65 -9.10 -26.72
N LEU B 208 1.71 -8.88 -27.48
CA LEU B 208 2.07 -9.84 -28.49
C LEU B 208 3.35 -10.56 -28.24
N THR B 209 3.86 -10.57 -27.02
CA THR B 209 5.09 -11.33 -26.79
C THR B 209 4.91 -12.79 -27.04
N THR B 210 3.76 -13.33 -26.61
CA THR B 210 3.37 -14.72 -26.87
C THR B 210 2.20 -14.82 -27.85
N HIS B 211 2.51 -15.11 -29.12
CA HIS B 211 1.53 -15.20 -30.20
C HIS B 211 2.19 -16.11 -31.14
N LYS B 212 1.48 -17.18 -31.40
CA LYS B 212 2.02 -18.29 -32.11
C LYS B 212 2.55 -17.79 -33.46
N HIS B 213 2.00 -16.67 -33.95
CA HIS B 213 2.05 -16.39 -35.39
C HIS B 213 2.47 -15.00 -35.83
N LEU B 214 2.00 -13.95 -35.17
CA LEU B 214 2.38 -12.60 -35.62
C LEU B 214 3.79 -12.19 -35.22
N LYS B 215 4.45 -11.37 -36.05
CA LYS B 215 5.84 -10.97 -35.85
C LYS B 215 6.04 -9.45 -35.99
N PRO B 216 7.15 -8.91 -35.44
CA PRO B 216 7.47 -7.53 -35.58
C PRO B 216 7.25 -7.05 -37.00
N ILE B 217 7.66 -7.85 -37.98
CA ILE B 217 7.53 -7.48 -39.37
C ILE B 217 6.10 -7.55 -39.95
N SER B 218 5.17 -8.14 -39.22
CA SER B 218 3.82 -8.36 -39.77
C SER B 218 3.08 -7.05 -39.83
N ILE B 219 3.63 -6.00 -39.19
CA ILE B 219 3.05 -4.67 -39.27
C ILE B 219 3.08 -4.07 -40.68
N HIS B 220 3.92 -4.56 -41.57
CA HIS B 220 3.94 -3.96 -42.90
C HIS B 220 2.87 -4.54 -43.78
N ASN B 221 1.94 -5.28 -43.19
CA ASN B 221 0.87 -5.87 -43.99
C ASN B 221 -0.53 -5.34 -43.68
N ASN B 222 -1.14 -4.64 -44.64
CA ASN B 222 -2.41 -3.91 -44.37
C ASN B 222 -3.67 -4.74 -44.30
N GLU B 223 -3.56 -6.04 -44.55
CA GLU B 223 -4.68 -6.91 -44.20
C GLU B 223 -4.57 -7.40 -42.77
N LEU B 224 -3.33 -7.59 -42.30
CA LEU B 224 -3.13 -7.91 -40.88
C LEU B 224 -3.50 -6.68 -40.11
N VAL B 225 -2.76 -5.62 -40.32
CA VAL B 225 -3.16 -4.29 -39.86
C VAL B 225 -4.69 -4.03 -39.93
N GLU B 226 -5.38 -4.40 -41.01
CA GLU B 226 -6.86 -4.33 -41.00
C GLU B 226 -7.55 -5.31 -40.03
N MET B 227 -7.43 -6.62 -40.23
CA MET B 227 -8.13 -7.53 -39.34
C MET B 227 -7.69 -7.49 -37.86
N PHE B 228 -6.67 -6.70 -37.49
CA PHE B 228 -6.24 -6.63 -36.06
C PHE B 228 -6.21 -5.27 -35.43
N ALA B 229 -6.67 -4.25 -36.13
CA ALA B 229 -6.52 -2.87 -35.66
C ALA B 229 -7.23 -2.62 -34.37
N HIS B 230 -8.15 -3.53 -34.01
CA HIS B 230 -8.92 -3.41 -32.77
C HIS B 230 -8.60 -4.53 -31.77
N ARG B 231 -8.01 -5.60 -32.27
CA ARG B 231 -7.60 -6.72 -31.42
C ARG B 231 -6.25 -6.43 -30.74
N TYR B 232 -5.38 -5.62 -31.34
CA TYR B 232 -4.16 -5.22 -30.61
C TYR B 232 -3.72 -3.73 -30.72
N LEU B 233 -3.34 -3.14 -29.59
CA LEU B 233 -2.80 -1.80 -29.56
C LEU B 233 -1.80 -1.56 -30.68
N TYR B 234 -0.65 -2.23 -30.59
CA TYR B 234 0.43 -1.98 -31.52
C TYR B 234 -0.08 -1.99 -32.93
N PHE B 235 -1.05 -2.82 -33.29
CA PHE B 235 -1.56 -2.72 -34.67
C PHE B 235 -2.49 -1.58 -34.82
N GLY B 236 -3.22 -1.21 -33.77
CA GLY B 236 -4.17 -0.15 -33.89
C GLY B 236 -3.49 1.19 -34.15
N CYS B 237 -2.33 1.41 -33.52
CA CYS B 237 -1.54 2.60 -33.78
C CYS B 237 -1.03 2.71 -35.22
N ILE B 238 -0.56 1.59 -35.73
CA ILE B 238 -0.09 1.55 -37.08
C ILE B 238 -1.23 1.78 -38.01
N ALA B 239 -2.41 1.23 -37.69
CA ALA B 239 -3.58 1.46 -38.57
C ALA B 239 -3.84 2.95 -38.72
N PHE B 240 -3.63 3.67 -37.61
CA PHE B 240 -3.97 5.06 -37.53
C PHE B 240 -2.88 5.88 -38.18
N ILE B 241 -1.62 5.69 -37.72
CA ILE B 241 -0.45 6.35 -38.35
C ILE B 241 -0.58 6.28 -39.86
N ASN B 242 -0.92 5.11 -40.38
CA ASN B 242 -1.02 4.88 -41.81
C ASN B 242 -2.15 5.59 -42.51
N LYS B 243 -3.27 5.71 -41.79
CA LYS B 243 -4.37 6.54 -42.23
C LYS B 243 -3.93 7.99 -42.16
N VAL B 244 -3.32 8.41 -41.05
CA VAL B 244 -3.00 9.85 -40.86
C VAL B 244 -1.95 10.44 -41.79
N LYS B 245 -1.26 9.59 -42.57
CA LYS B 245 -0.45 9.98 -43.79
C LYS B 245 -0.50 9.01 -45.02
N SER B 249 4.66 4.92 -47.33
CA SER B 249 5.21 3.88 -46.48
C SER B 249 5.73 4.30 -45.12
N LEU B 250 5.87 3.30 -44.23
CA LEU B 250 6.35 3.45 -42.83
C LEU B 250 7.78 3.92 -42.68
N ARG B 251 8.63 3.42 -43.58
CA ARG B 251 10.02 3.81 -43.60
C ARG B 251 10.11 5.33 -43.49
N TRP B 252 9.44 6.04 -44.41
CA TRP B 252 9.53 7.49 -44.40
C TRP B 252 8.91 8.11 -43.15
N HIS B 253 7.66 7.78 -42.83
CA HIS B 253 7.07 8.57 -41.76
C HIS B 253 7.45 8.08 -40.38
N SER B 254 7.38 6.79 -40.13
CA SER B 254 7.75 6.30 -38.80
C SER B 254 8.98 5.37 -38.75
N PRO B 255 10.20 5.95 -38.87
CA PRO B 255 11.47 5.26 -39.02
C PRO B 255 11.80 4.42 -37.83
N MET B 256 11.78 5.00 -36.62
CA MET B 256 12.04 4.21 -35.41
C MET B 256 11.13 2.96 -35.35
N LEU B 257 9.87 3.07 -35.74
CA LEU B 257 9.03 1.88 -35.82
C LEU B 257 9.47 0.97 -36.93
N ASP B 258 9.96 1.52 -38.03
CA ASP B 258 10.47 0.68 -39.11
C ASP B 258 11.70 -0.08 -38.64
N ASP B 259 12.62 0.63 -37.98
CA ASP B 259 13.79 -0.02 -37.40
C ASP B 259 13.39 -1.20 -36.52
N ILE B 260 12.72 -0.89 -35.43
CA ILE B 260 12.39 -1.93 -34.50
C ILE B 260 11.53 -3.04 -35.10
N SER B 261 11.06 -2.90 -36.33
CA SER B 261 10.13 -3.90 -36.87
C SER B 261 10.85 -5.02 -37.56
N GLY B 262 12.17 -4.84 -37.74
CA GLY B 262 13.07 -5.83 -38.36
C GLY B 262 13.90 -6.51 -37.28
N VAL B 263 13.21 -6.88 -36.22
CA VAL B 263 13.79 -7.60 -35.12
C VAL B 263 13.01 -8.89 -35.24
N LYS B 264 13.57 -9.99 -34.74
CA LYS B 264 12.96 -11.31 -34.98
C LYS B 264 11.69 -11.60 -34.15
N THR B 265 11.60 -11.09 -32.92
CA THR B 265 10.46 -11.31 -32.04
C THR B 265 9.85 -10.08 -31.44
N TRP B 266 8.55 -10.16 -31.16
CA TRP B 266 7.91 -9.15 -30.33
C TRP B 266 8.62 -8.94 -29.03
N SER B 267 9.29 -9.96 -28.53
CA SER B 267 9.98 -9.84 -27.24
C SER B 267 11.11 -8.83 -27.31
N LYS B 268 11.96 -9.00 -28.31
CA LYS B 268 13.09 -8.12 -28.47
C LYS B 268 12.62 -6.72 -28.91
N VAL B 269 11.31 -6.58 -29.14
CA VAL B 269 10.72 -5.27 -29.37
C VAL B 269 10.28 -4.72 -28.02
N ALA B 270 9.62 -5.55 -27.22
CA ALA B 270 9.24 -5.15 -25.88
C ALA B 270 10.44 -4.65 -25.03
N GLU B 271 11.54 -5.42 -25.06
CA GLU B 271 12.86 -4.98 -24.54
C GLU B 271 13.24 -3.58 -25.09
N GLY B 272 13.28 -3.43 -26.41
CA GLY B 272 13.46 -2.13 -27.02
C GLY B 272 12.54 -1.05 -26.46
N MET B 273 11.23 -1.31 -26.44
CA MET B 273 10.28 -0.32 -25.99
C MET B 273 10.65 0.19 -24.62
N ILE B 274 11.15 -0.71 -23.77
CA ILE B 274 11.45 -0.39 -22.37
C ILE B 274 12.75 0.39 -22.25
N LYS B 275 13.79 -0.08 -22.92
CA LYS B 275 15.04 0.62 -22.91
C LYS B 275 14.79 2.04 -23.36
N MET B 276 14.11 2.19 -24.50
CA MET B 276 13.86 3.49 -25.10
C MET B 276 13.00 4.40 -24.25
N TYR B 277 11.98 3.83 -23.59
CA TYR B 277 11.15 4.57 -22.65
C TYR B 277 11.98 5.10 -21.51
N LYS B 278 12.74 4.23 -20.85
CA LYS B 278 13.69 4.71 -19.81
C LYS B 278 14.65 5.76 -20.37
N ALA B 279 15.00 5.63 -21.65
CA ALA B 279 15.97 6.53 -22.22
C ALA B 279 15.32 7.79 -22.73
N GLU B 280 14.12 7.69 -23.31
CA GLU B 280 13.60 8.80 -24.11
C GLU B 280 12.46 9.57 -23.45
N VAL B 281 11.76 8.98 -22.52
CA VAL B 281 10.77 9.76 -21.82
C VAL B 281 11.35 9.99 -20.46
N LEU B 282 11.57 8.94 -19.71
CA LEU B 282 12.11 9.07 -18.33
C LEU B 282 13.48 9.68 -18.20
N SER B 283 14.16 10.01 -19.29
CA SER B 283 15.45 10.69 -19.13
C SER B 283 15.71 11.92 -20.01
N LYS B 284 14.64 12.44 -20.60
CA LYS B 284 14.66 13.61 -21.46
C LYS B 284 14.34 14.77 -20.53
N LEU B 285 15.32 15.64 -20.34
CA LEU B 285 15.18 16.78 -19.45
C LEU B 285 13.95 17.63 -19.77
N PRO B 286 13.86 18.15 -21.01
CA PRO B 286 12.68 18.71 -21.62
C PRO B 286 11.36 18.18 -21.10
N ILE B 287 11.32 16.91 -20.69
CA ILE B 287 10.09 16.28 -20.20
C ILE B 287 10.09 16.19 -18.68
N MET B 288 11.09 15.48 -18.13
CA MET B 288 11.20 15.25 -16.71
C MET B 288 11.18 16.57 -16.00
N GLN B 289 11.33 17.64 -16.75
CA GLN B 289 11.35 19.00 -16.20
C GLN B 289 10.00 19.44 -15.68
N HIS B 290 8.96 18.79 -16.15
CA HIS B 290 7.62 19.24 -15.92
C HIS B 290 6.90 18.08 -15.29
N PHE B 291 7.70 17.18 -14.72
CA PHE B 291 7.21 16.05 -13.94
C PHE B 291 6.86 16.47 -12.52
N TYR B 292 5.80 15.91 -11.99
CA TYR B 292 5.39 16.25 -10.65
C TYR B 292 5.84 15.27 -9.58
N PHE B 293 6.59 15.82 -8.65
CA PHE B 293 6.85 15.06 -7.47
C PHE B 293 5.74 15.35 -6.45
N SER B 294 5.56 14.46 -5.49
CA SER B 294 4.39 14.47 -4.67
C SER B 294 4.62 13.44 -3.60
N GLU B 295 3.70 13.32 -2.66
CA GLU B 295 3.95 12.45 -1.52
C GLU B 295 4.17 11.00 -1.95
N PHE B 296 3.46 10.56 -3.00
CA PHE B 296 3.57 9.17 -3.45
C PHE B 296 4.59 8.95 -4.56
N LEU B 297 5.03 10.03 -5.23
CA LEU B 297 6.33 10.09 -6.00
C LEU B 297 7.26 11.14 -5.39
N PRO B 298 8.14 10.78 -4.48
CA PRO B 298 8.81 11.86 -3.81
C PRO B 298 10.10 12.36 -4.48
N CYS B 299 10.47 13.61 -4.16
CA CYS B 299 11.87 14.12 -4.09
C CYS B 299 12.44 14.77 -5.34
#